data_4U0V
#
_entry.id   4U0V
#
_cell.length_a   98.499
_cell.length_b   98.499
_cell.length_c   355.133
_cell.angle_alpha   90.000
_cell.angle_beta   90.000
_cell.angle_gamma   120.000
#
_symmetry.space_group_name_H-M   'H 3 2'
#
loop_
_entity.id
_entity.type
_entity.pdbx_description
1 polymer 'HTH-type transcriptional repressor YvoA'
2 non-polymer 2-amino-2-deoxy-6-O-phosphono-alpha-D-glucopyranose
3 non-polymer 1,2-ETHANEDIOL
4 water water
#
_entity_poly.entity_id   1
_entity_poly.type   'polypeptide(L)'
_entity_poly.pdbx_seq_one_letter_code
;GSHMNINKQSPIPIYYQIMEQLKTQIKNGELQPDMPLPSEREYAEQFGISRMTVRQALSNLVNEGLLYRLKGRGTFVSKP
KMEQALQGLTSFTEDMKSRGMTPGSRLIDYQLIDSTEELAAILGCGHPSSIHKITRVRLANDIPMAIESSHIPFELAGEL
NESHFQSSIYDHIERYNSIPISRAKQELEPSAATTEEANILGIQKGAPVLLIKRTTYLQNGTAFEHAKSVYRGDRYTFVH
YMDRLS
;
_entity_poly.pdbx_strand_id   A,B
#
# COMPACT_ATOMS: atom_id res chain seq x y z
N HIS A 3 -9.12 25.91 13.33
CA HIS A 3 -8.68 24.81 12.50
C HIS A 3 -9.48 24.77 11.20
N MET A 4 -10.75 24.35 11.30
CA MET A 4 -11.67 24.41 10.16
C MET A 4 -12.08 25.87 9.92
N ASN A 5 -12.87 26.11 8.89
CA ASN A 5 -13.23 27.48 8.50
C ASN A 5 -14.74 27.64 8.27
N ILE A 6 -15.38 28.47 9.08
CA ILE A 6 -16.81 28.69 8.95
C ILE A 6 -17.08 30.06 8.33
N ASN A 7 -17.80 30.07 7.20
CA ASN A 7 -18.14 31.32 6.55
C ASN A 7 -19.64 31.62 6.73
N LYS A 8 -19.95 32.58 7.60
CA LYS A 8 -21.34 32.86 7.91
C LYS A 8 -22.06 33.54 6.76
N GLN A 9 -21.32 34.25 5.90
CA GLN A 9 -21.92 34.93 4.75
C GLN A 9 -22.37 33.98 3.64
N SER A 10 -21.90 32.73 3.70
CA SER A 10 -22.28 31.71 2.70
C SER A 10 -23.74 31.26 2.82
N PRO A 11 -24.38 30.93 1.68
CA PRO A 11 -25.74 30.37 1.73
C PRO A 11 -25.80 28.94 2.30
N ILE A 12 -24.67 28.22 2.33
CA ILE A 12 -24.61 26.90 2.97
C ILE A 12 -24.80 27.04 4.49
N PRO A 13 -25.80 26.33 5.06
CA PRO A 13 -25.98 26.40 6.52
C PRO A 13 -24.73 25.98 7.30
N ILE A 14 -24.54 26.63 8.44
CA ILE A 14 -23.36 26.40 9.24
C ILE A 14 -23.21 24.94 9.67
N TYR A 15 -24.30 24.27 10.05
CA TYR A 15 -24.20 22.87 10.47
C TYR A 15 -23.67 22.02 9.30
N TYR A 16 -24.09 22.38 8.09
CA TYR A 16 -23.70 21.67 6.88
C TYR A 16 -22.20 21.90 6.64
N GLN A 17 -21.76 23.16 6.80
CA GLN A 17 -20.33 23.50 6.73
C GLN A 17 -19.51 22.68 7.71
N ILE A 18 -19.96 22.61 8.96
CA ILE A 18 -19.26 21.79 9.94
C ILE A 18 -19.18 20.31 9.54
N MET A 19 -20.29 19.74 9.08
CA MET A 19 -20.28 18.32 8.67
C MET A 19 -19.28 18.15 7.52
N GLU A 20 -19.32 19.05 6.56
CA GLU A 20 -18.47 18.90 5.38
C GLU A 20 -17.00 19.05 5.74
N GLN A 21 -16.69 20.08 6.53
CA GLN A 21 -15.32 20.32 6.90
C GLN A 21 -14.75 19.25 7.80
N LEU A 22 -15.58 18.70 8.69
CA LEU A 22 -15.12 17.57 9.49
C LEU A 22 -14.86 16.36 8.59
N LYS A 23 -15.76 16.11 7.65
CA LYS A 23 -15.55 15.05 6.66
C LYS A 23 -14.22 15.27 5.93
N THR A 24 -14.00 16.48 5.44
CA THR A 24 -12.76 16.84 4.74
C THR A 24 -11.55 16.63 5.64
N GLN A 25 -11.72 16.90 6.93
CA GLN A 25 -10.67 16.69 7.92
C GLN A 25 -10.38 15.20 8.12
N ILE A 26 -11.43 14.38 8.20
CA ILE A 26 -11.20 12.94 8.33
C ILE A 26 -10.57 12.41 7.02
N LYS A 27 -11.02 12.95 5.89
CA LYS A 27 -10.50 12.51 4.58
C LYS A 27 -9.02 12.88 4.42
N ASN A 28 -8.62 13.96 5.08
CA ASN A 28 -7.29 14.51 4.93
C ASN A 28 -6.34 14.02 6.00
N GLY A 29 -6.86 13.23 6.94
CA GLY A 29 -6.05 12.65 7.99
C GLY A 29 -5.89 13.57 9.19
N GLU A 30 -6.38 14.80 9.06
CA GLU A 30 -6.21 15.82 10.09
C GLU A 30 -6.78 15.46 11.45
N LEU A 31 -7.58 14.39 11.51
CA LEU A 31 -8.16 13.96 12.78
C LEU A 31 -7.71 12.57 13.19
N GLN A 32 -6.86 12.51 14.23
CA GLN A 32 -6.55 11.28 14.94
C GLN A 32 -7.82 10.45 15.22
N PRO A 33 -7.71 9.11 15.15
CA PRO A 33 -8.88 8.23 15.20
C PRO A 33 -9.37 7.88 16.61
N ASP A 34 -8.50 8.02 17.62
CA ASP A 34 -8.87 7.76 19.00
C ASP A 34 -8.37 8.82 20.00
N MET A 35 -8.29 10.06 19.53
CA MET A 35 -8.29 11.21 20.41
C MET A 35 -9.66 11.84 20.29
N PRO A 36 -10.21 12.36 21.41
CA PRO A 36 -11.57 12.90 21.28
C PRO A 36 -11.61 14.16 20.46
N LEU A 37 -12.71 14.36 19.75
CA LEU A 37 -12.99 15.62 19.08
C LEU A 37 -13.07 16.77 20.07
N PRO A 38 -12.84 17.99 19.58
CA PRO A 38 -13.16 19.16 20.40
C PRO A 38 -14.61 19.09 20.88
N SER A 39 -14.89 19.61 22.06
CA SER A 39 -16.22 19.55 22.63
C SER A 39 -17.17 20.48 21.90
N GLU A 40 -18.48 20.32 22.15
CA GLU A 40 -19.47 21.24 21.61
C GLU A 40 -19.05 22.67 21.94
N ARG A 41 -18.67 22.86 23.20
CA ARG A 41 -18.24 24.17 23.65
C ARG A 41 -17.06 24.73 22.85
N GLU A 42 -16.02 23.93 22.70
CA GLU A 42 -14.81 24.38 22.01
C GLU A 42 -15.11 24.85 20.58
N TYR A 43 -15.87 24.05 19.84
CA TYR A 43 -16.28 24.43 18.48
C TYR A 43 -17.12 25.72 18.47
N ALA A 44 -18.07 25.81 19.40
CA ALA A 44 -18.99 26.93 19.39
C ALA A 44 -18.27 28.23 19.69
N GLU A 45 -17.37 28.20 20.68
CA GLU A 45 -16.64 29.41 21.06
C GLU A 45 -15.68 29.82 19.96
N GLN A 46 -14.97 28.83 19.41
CA GLN A 46 -14.04 29.05 18.33
C GLN A 46 -14.66 29.83 17.16
N PHE A 47 -15.90 29.52 16.81
CA PHE A 47 -16.48 30.12 15.61
C PHE A 47 -17.56 31.13 15.89
N GLY A 48 -17.85 31.33 17.16
CA GLY A 48 -18.89 32.26 17.55
C GLY A 48 -20.23 31.79 17.01
N ILE A 49 -20.55 30.53 17.23
CA ILE A 49 -21.83 29.98 16.81
C ILE A 49 -22.51 29.23 17.94
N SER A 50 -23.77 28.88 17.71
CA SER A 50 -24.57 28.15 18.69
C SER A 50 -24.05 26.74 18.92
N ARG A 51 -24.08 26.27 20.17
CA ARG A 51 -23.75 24.89 20.50
C ARG A 51 -24.71 23.89 19.86
N MET A 52 -25.96 24.29 19.70
CA MET A 52 -26.98 23.45 19.11
C MET A 52 -26.68 23.25 17.63
N THR A 53 -26.11 24.26 16.99
CA THR A 53 -25.65 24.10 15.60
C THR A 53 -24.53 23.07 15.53
N VAL A 54 -23.56 23.19 16.43
CA VAL A 54 -22.52 22.18 16.56
C VAL A 54 -23.10 20.80 16.85
N ARG A 55 -24.01 20.73 17.81
CA ARG A 55 -24.61 19.45 18.17
C ARG A 55 -25.35 18.83 16.98
N GLN A 56 -26.06 19.64 16.21
CA GLN A 56 -26.75 19.16 15.02
C GLN A 56 -25.78 18.45 14.07
N ALA A 57 -24.65 19.11 13.80
CA ALA A 57 -23.64 18.53 12.91
C ALA A 57 -23.05 17.24 13.46
N LEU A 58 -22.67 17.25 14.74
CA LEU A 58 -22.01 16.09 15.32
C LEU A 58 -22.94 14.89 15.36
N SER A 59 -24.20 15.13 15.70
CA SER A 59 -25.20 14.06 15.74
CA SER A 59 -25.19 14.06 15.73
C SER A 59 -25.45 13.47 14.36
N ASN A 60 -25.51 14.33 13.34
CA ASN A 60 -25.71 13.84 11.99
C ASN A 60 -24.55 12.94 11.59
N LEU A 61 -23.33 13.38 11.88
CA LEU A 61 -22.15 12.58 11.62
C LEU A 61 -22.16 11.25 12.38
N VAL A 62 -22.67 11.25 13.61
CA VAL A 62 -22.80 9.99 14.33
C VAL A 62 -23.79 9.09 13.60
N ASN A 63 -24.94 9.64 13.22
CA ASN A 63 -25.96 8.86 12.49
C ASN A 63 -25.47 8.35 11.13
N GLU A 64 -24.50 9.05 10.53
CA GLU A 64 -23.91 8.56 9.29
C GLU A 64 -22.77 7.58 9.57
N GLY A 65 -22.50 7.35 10.86
CA GLY A 65 -21.47 6.41 11.27
C GLY A 65 -20.04 6.89 11.14
N LEU A 66 -19.85 8.16 10.82
CA LEU A 66 -18.49 8.69 10.70
C LEU A 66 -17.87 9.01 12.09
N LEU A 67 -18.72 9.14 13.09
CA LEU A 67 -18.27 9.41 14.46
C LEU A 67 -19.01 8.51 15.43
N TYR A 68 -18.52 8.41 16.66
CA TYR A 68 -19.22 7.65 17.70
C TYR A 68 -18.99 8.28 19.08
N ARG A 69 -19.96 8.07 19.96
CA ARG A 69 -19.86 8.61 21.31
C ARG A 69 -19.46 7.51 22.30
N LEU A 70 -18.55 7.86 23.21
CA LEU A 70 -18.19 7.03 24.35
C LEU A 70 -18.57 7.76 25.62
N LYS A 71 -19.44 7.14 26.43
CA LYS A 71 -19.95 7.76 27.65
C LYS A 71 -18.81 8.20 28.56
N GLY A 72 -18.71 9.52 28.78
CA GLY A 72 -17.72 10.08 29.67
C GLY A 72 -16.37 10.38 29.03
N ARG A 73 -16.15 9.86 27.83
CA ARG A 73 -14.88 10.07 27.13
C ARG A 73 -15.00 11.09 26.01
N GLY A 74 -16.16 11.15 25.37
CA GLY A 74 -16.39 12.14 24.34
C GLY A 74 -16.75 11.55 22.99
N THR A 75 -16.45 12.30 21.93
CA THR A 75 -16.84 11.91 20.58
C THR A 75 -15.60 11.61 19.75
N PHE A 76 -15.60 10.47 19.07
CA PHE A 76 -14.41 9.96 18.38
C PHE A 76 -14.63 9.61 16.89
N VAL A 77 -13.63 9.87 16.06
CA VAL A 77 -13.65 9.49 14.66
C VAL A 77 -13.74 7.98 14.44
N SER A 78 -14.72 7.53 13.65
CA SER A 78 -14.90 6.10 13.37
C SER A 78 -13.83 5.60 12.41
N LYS A 79 -13.34 4.39 12.67
CA LYS A 79 -12.32 3.80 11.80
C LYS A 79 -12.77 2.44 11.29
N PRO A 80 -13.93 2.39 10.60
CA PRO A 80 -14.38 1.08 10.14
C PRO A 80 -13.42 0.54 9.08
N LYS A 81 -12.95 -0.69 9.29
CA LYS A 81 -12.11 -1.33 8.32
C LYS A 81 -12.57 -2.75 8.17
N MET A 82 -12.77 -3.17 6.93
CA MET A 82 -13.10 -4.56 6.64
C MET A 82 -11.83 -5.38 6.51
N GLU A 83 -11.86 -6.58 7.06
CA GLU A 83 -10.78 -7.52 6.85
C GLU A 83 -11.02 -8.24 5.53
N GLN A 84 -10.01 -8.23 4.68
CA GLN A 84 -10.08 -8.86 3.38
C GLN A 84 -9.08 -10.01 3.34
N ALA A 85 -9.57 -11.25 3.28
CA ALA A 85 -8.68 -12.39 3.18
C ALA A 85 -8.04 -12.48 1.80
N LEU A 86 -6.72 -12.58 1.76
CA LEU A 86 -5.99 -12.61 0.49
C LEU A 86 -5.94 -13.97 -0.17
N GLN A 87 -6.15 -15.05 0.58
CA GLN A 87 -5.92 -16.36 -0.02
C GLN A 87 -7.15 -17.02 -0.62
N GLY A 88 -8.34 -16.57 -0.20
CA GLY A 88 -9.56 -17.12 -0.76
C GLY A 88 -9.89 -16.38 -2.05
N LEU A 89 -9.95 -17.11 -3.17
CA LEU A 89 -10.34 -16.53 -4.44
C LEU A 89 -11.84 -16.27 -4.45
N THR A 90 -12.23 -15.00 -4.40
CA THR A 90 -13.64 -14.63 -4.37
C THR A 90 -13.91 -13.41 -5.25
N SER A 91 -15.19 -13.17 -5.50
CA SER A 91 -15.64 -11.94 -6.15
C SER A 91 -15.97 -10.88 -5.13
N PHE A 92 -15.96 -9.62 -5.57
CA PHE A 92 -16.46 -8.49 -4.78
C PHE A 92 -17.87 -8.74 -4.28
N THR A 93 -18.70 -9.29 -5.18
CA THR A 93 -20.09 -9.58 -4.87
C THR A 93 -20.18 -10.60 -3.73
N GLU A 94 -19.39 -11.66 -3.82
CA GLU A 94 -19.28 -12.63 -2.72
C GLU A 94 -18.72 -11.98 -1.46
N ASP A 95 -17.70 -11.14 -1.63
CA ASP A 95 -17.05 -10.48 -0.48
C ASP A 95 -18.04 -9.64 0.31
N MET A 96 -18.89 -8.89 -0.38
CA MET A 96 -19.85 -8.01 0.28
C MET A 96 -21.02 -8.76 0.93
N LYS A 97 -21.56 -9.75 0.23
CA LYS A 97 -22.71 -10.48 0.75
C LYS A 97 -22.32 -11.24 2.00
N SER A 98 -21.09 -11.74 2.01
CA SER A 98 -20.58 -12.46 3.16
C SER A 98 -20.56 -11.60 4.42
N ARG A 99 -20.46 -10.29 4.25
CA ARG A 99 -20.34 -9.35 5.36
C ARG A 99 -21.62 -8.56 5.53
N GLY A 100 -22.70 -9.07 4.94
CA GLY A 100 -24.00 -8.47 5.08
C GLY A 100 -24.07 -7.04 4.58
N MET A 101 -23.37 -6.77 3.49
CA MET A 101 -23.49 -5.46 2.83
C MET A 101 -23.96 -5.66 1.39
N THR A 102 -24.55 -4.63 0.81
CA THR A 102 -25.10 -4.73 -0.54
C THR A 102 -24.07 -4.28 -1.56
N PRO A 103 -23.60 -5.21 -2.40
CA PRO A 103 -22.64 -4.82 -3.43
C PRO A 103 -23.33 -4.09 -4.57
N GLY A 104 -22.64 -3.12 -5.15
CA GLY A 104 -23.09 -2.46 -6.36
C GLY A 104 -21.89 -2.04 -7.22
N SER A 105 -22.19 -1.55 -8.42
CA SER A 105 -21.19 -1.04 -9.33
C SER A 105 -21.74 0.11 -10.17
N ARG A 106 -20.88 1.04 -10.51
CA ARG A 106 -21.17 2.04 -11.53
CA ARG A 106 -21.17 2.02 -11.55
C ARG A 106 -20.12 1.86 -12.63
N LEU A 107 -20.57 1.75 -13.88
CA LEU A 107 -19.63 1.65 -15.01
C LEU A 107 -18.84 2.94 -15.21
N ILE A 108 -17.52 2.83 -15.15
CA ILE A 108 -16.67 3.98 -15.45
C ILE A 108 -16.44 4.03 -16.95
N ASP A 109 -16.21 2.85 -17.53
CA ASP A 109 -15.94 2.75 -18.94
C ASP A 109 -16.03 1.30 -19.37
N TYR A 110 -16.65 1.05 -20.53
CA TYR A 110 -16.51 -0.25 -21.19
C TYR A 110 -15.93 -0.06 -22.58
N GLN A 111 -14.95 -0.88 -22.93
CA GLN A 111 -14.39 -0.90 -24.28
C GLN A 111 -14.09 -2.30 -24.73
N LEU A 112 -14.45 -2.64 -25.97
CA LEU A 112 -13.91 -3.83 -26.60
C LEU A 112 -12.65 -3.42 -27.36
N ILE A 113 -11.52 -4.02 -27.01
CA ILE A 113 -10.24 -3.60 -27.58
C ILE A 113 -9.52 -4.75 -28.27
N ASP A 114 -8.62 -4.40 -29.17
CA ASP A 114 -7.71 -5.37 -29.78
C ASP A 114 -6.72 -5.87 -28.75
N SER A 115 -6.42 -7.16 -28.78
CA SER A 115 -5.32 -7.69 -27.98
C SER A 115 -4.03 -6.93 -28.29
N THR A 116 -3.21 -6.74 -27.25
CA THR A 116 -1.83 -6.30 -27.43
C THR A 116 -1.00 -7.56 -27.24
N GLU A 117 0.24 -7.55 -27.69
CA GLU A 117 1.04 -8.73 -27.51
C GLU A 117 1.32 -8.95 -26.03
N GLU A 118 1.42 -7.87 -25.28
CA GLU A 118 1.59 -7.93 -23.83
C GLU A 118 0.39 -8.57 -23.10
N LEU A 119 -0.82 -8.13 -23.41
CA LEU A 119 -2.02 -8.75 -22.84
C LEU A 119 -2.12 -10.21 -23.28
N ALA A 120 -1.74 -10.47 -24.53
CA ALA A 120 -1.83 -11.82 -25.08
C ALA A 120 -0.87 -12.76 -24.36
N ALA A 121 0.33 -12.27 -24.02
CA ALA A 121 1.26 -13.06 -23.24
C ALA A 121 0.71 -13.37 -21.84
N ILE A 122 0.13 -12.36 -21.19
CA ILE A 122 -0.45 -12.54 -19.85
C ILE A 122 -1.61 -13.53 -19.84
N LEU A 123 -2.59 -13.34 -20.72
CA LEU A 123 -3.78 -14.20 -20.74
C LEU A 123 -3.55 -15.53 -21.45
N GLY A 124 -2.50 -15.59 -22.27
CA GLY A 124 -2.30 -16.76 -23.12
C GLY A 124 -3.44 -16.86 -24.11
N CYS A 125 -3.97 -15.71 -24.53
CA CYS A 125 -5.10 -15.70 -25.43
C CYS A 125 -4.60 -15.44 -26.86
N GLY A 126 -5.49 -15.56 -27.84
CA GLY A 126 -5.11 -15.36 -29.23
C GLY A 126 -4.67 -13.93 -29.48
N HIS A 127 -3.86 -13.75 -30.52
CA HIS A 127 -3.44 -12.43 -30.97
C HIS A 127 -3.19 -12.47 -32.46
N PRO A 128 -3.98 -11.72 -33.24
CA PRO A 128 -4.98 -10.74 -32.78
C PRO A 128 -6.29 -11.36 -32.25
N SER A 129 -6.86 -10.73 -31.23
CA SER A 129 -8.19 -11.09 -30.74
C SER A 129 -8.84 -9.89 -30.07
N SER A 130 -10.08 -10.03 -29.63
CA SER A 130 -10.81 -8.95 -29.02
C SER A 130 -10.92 -9.20 -27.51
N ILE A 131 -10.80 -8.13 -26.72
CA ILE A 131 -10.77 -8.24 -25.26
C ILE A 131 -11.69 -7.20 -24.64
N HIS A 132 -12.64 -7.66 -23.84
CA HIS A 132 -13.45 -6.76 -23.03
C HIS A 132 -12.54 -6.02 -22.06
N LYS A 133 -12.74 -4.71 -21.95
CA LYS A 133 -12.06 -3.92 -20.92
C LYS A 133 -13.12 -3.24 -20.09
N ILE A 134 -13.36 -3.80 -18.90
CA ILE A 134 -14.49 -3.40 -18.07
C ILE A 134 -14.02 -2.64 -16.84
N THR A 135 -14.28 -1.34 -16.78
CA THR A 135 -13.78 -0.51 -15.68
C THR A 135 -14.93 -0.01 -14.85
N ARG A 136 -14.94 -0.40 -13.58
CA ARG A 136 -16.07 -0.13 -12.69
C ARG A 136 -15.61 0.38 -11.35
N VAL A 137 -16.43 1.22 -10.72
CA VAL A 137 -16.26 1.51 -9.30
C VAL A 137 -17.17 0.54 -8.56
N ARG A 138 -16.64 -0.10 -7.52
CA ARG A 138 -17.38 -1.10 -6.77
C ARG A 138 -17.84 -0.50 -5.45
N LEU A 139 -19.12 -0.66 -5.13
CA LEU A 139 -19.71 0.00 -3.96
C LEU A 139 -20.15 -1.01 -2.91
N ALA A 140 -19.94 -0.65 -1.65
CA ALA A 140 -20.51 -1.36 -0.51
C ALA A 140 -21.55 -0.45 0.12
N ASN A 141 -22.82 -0.85 0.06
CA ASN A 141 -23.92 0.01 0.50
C ASN A 141 -23.81 1.43 -0.08
N ASP A 142 -23.59 1.51 -1.39
CA ASP A 142 -23.41 2.76 -2.12
C ASP A 142 -22.19 3.59 -1.70
N ILE A 143 -21.27 2.98 -0.99
CA ILE A 143 -20.01 3.66 -0.70
C ILE A 143 -18.91 3.08 -1.59
N PRO A 144 -18.25 3.93 -2.38
CA PRO A 144 -17.17 3.44 -3.26
C PRO A 144 -16.05 2.80 -2.47
N MET A 145 -15.70 1.58 -2.84
CA MET A 145 -14.65 0.86 -2.15
CA MET A 145 -14.66 0.81 -2.15
C MET A 145 -13.41 0.67 -3.02
N ALA A 146 -13.63 0.43 -4.31
CA ALA A 146 -12.53 0.17 -5.22
C ALA A 146 -12.86 0.60 -6.65
N ILE A 147 -11.81 0.74 -7.45
CA ILE A 147 -11.91 0.90 -8.91
C ILE A 147 -11.18 -0.25 -9.56
N GLU A 148 -11.89 -0.98 -10.43
CA GLU A 148 -11.32 -2.18 -11.04
C GLU A 148 -11.43 -2.13 -12.55
N SER A 149 -10.34 -2.44 -13.24
CA SER A 149 -10.36 -2.53 -14.69
C SER A 149 -9.99 -3.95 -15.11
N SER A 150 -10.98 -4.70 -15.57
CA SER A 150 -10.83 -6.11 -15.83
C SER A 150 -10.78 -6.36 -17.32
N HIS A 151 -9.71 -6.99 -17.78
CA HIS A 151 -9.55 -7.40 -19.17
C HIS A 151 -9.91 -8.87 -19.29
N ILE A 152 -10.93 -9.16 -20.10
CA ILE A 152 -11.41 -10.52 -20.31
C ILE A 152 -11.51 -10.85 -21.80
N PRO A 153 -10.85 -11.93 -22.25
CA PRO A 153 -10.97 -12.28 -23.68
C PRO A 153 -12.45 -12.44 -24.09
N PHE A 154 -12.80 -11.81 -25.21
CA PHE A 154 -14.20 -11.80 -25.65
C PHE A 154 -14.82 -13.20 -25.63
N GLU A 155 -14.13 -14.18 -26.17
CA GLU A 155 -14.76 -15.49 -26.34
C GLU A 155 -15.00 -16.21 -25.01
N LEU A 156 -14.48 -15.66 -23.92
CA LEU A 156 -14.71 -16.27 -22.61
C LEU A 156 -15.87 -15.60 -21.91
N ALA A 157 -16.53 -14.66 -22.60
CA ALA A 157 -17.66 -13.95 -21.98
C ALA A 157 -18.80 -13.64 -22.94
N GLY A 158 -18.52 -13.59 -24.24
CA GLY A 158 -19.53 -13.19 -25.21
C GLY A 158 -19.94 -11.74 -25.03
N GLU A 159 -21.08 -11.37 -25.61
CA GLU A 159 -21.54 -9.99 -25.57
C GLU A 159 -21.97 -9.61 -24.16
N LEU A 160 -21.61 -8.40 -23.74
CA LEU A 160 -21.89 -7.93 -22.40
C LEU A 160 -22.74 -6.68 -22.43
N ASN A 161 -23.64 -6.54 -21.47
CA ASN A 161 -24.45 -5.32 -21.42
C ASN A 161 -24.52 -4.80 -19.99
N GLU A 162 -25.26 -3.73 -19.80
CA GLU A 162 -25.30 -3.03 -18.54
C GLU A 162 -25.79 -3.94 -17.40
N SER A 163 -26.53 -5.00 -17.71
CA SER A 163 -27.01 -5.87 -16.63
C SER A 163 -25.88 -6.78 -16.13
N HIS A 164 -24.89 -7.05 -16.99
CA HIS A 164 -23.70 -7.77 -16.56
C HIS A 164 -22.85 -6.84 -15.70
N PHE A 165 -22.68 -5.60 -16.15
CA PHE A 165 -21.84 -4.62 -15.46
C PHE A 165 -22.37 -4.29 -14.07
N GLN A 166 -23.68 -4.37 -13.89
CA GLN A 166 -24.27 -3.97 -12.63
C GLN A 166 -24.43 -5.12 -11.65
N SER A 167 -24.01 -6.31 -12.06
CA SER A 167 -23.99 -7.45 -11.14
C SER A 167 -22.60 -8.11 -11.09
N SER A 168 -22.55 -9.44 -11.00
CA SER A 168 -21.28 -10.11 -10.74
C SER A 168 -20.66 -10.66 -12.01
N ILE A 169 -19.46 -10.18 -12.34
CA ILE A 169 -18.80 -10.65 -13.57
C ILE A 169 -18.35 -12.10 -13.41
N TYR A 170 -17.87 -12.43 -12.22
CA TYR A 170 -17.43 -13.80 -11.94
C TYR A 170 -18.59 -14.79 -12.06
N ASP A 171 -19.76 -14.40 -11.54
CA ASP A 171 -20.98 -15.21 -11.74
C ASP A 171 -21.22 -15.48 -13.23
N HIS A 172 -21.19 -14.41 -14.02
CA HIS A 172 -21.35 -14.56 -15.45
C HIS A 172 -20.29 -15.46 -16.07
N ILE A 173 -19.04 -15.28 -15.66
CA ILE A 173 -17.93 -16.08 -16.21
C ILE A 173 -18.15 -17.59 -15.97
N GLU A 174 -18.57 -17.96 -14.77
CA GLU A 174 -18.76 -19.39 -14.51
C GLU A 174 -19.89 -19.97 -15.34
N ARG A 175 -21.02 -19.27 -15.33
CA ARG A 175 -22.20 -19.65 -16.11
C ARG A 175 -21.91 -19.74 -17.62
N TYR A 176 -21.27 -18.71 -18.17
CA TYR A 176 -21.03 -18.64 -19.60
C TYR A 176 -20.08 -19.72 -20.08
N ASN A 177 -19.05 -20.03 -19.28
CA ASN A 177 -18.03 -21.01 -19.72
C ASN A 177 -18.31 -22.45 -19.27
N SER A 178 -19.23 -22.61 -18.34
CA SER A 178 -19.56 -23.91 -17.75
C SER A 178 -18.32 -24.56 -17.10
N ILE A 179 -17.38 -23.72 -16.66
CA ILE A 179 -16.17 -24.13 -15.96
C ILE A 179 -16.02 -23.21 -14.75
N PRO A 180 -15.77 -23.77 -13.54
CA PRO A 180 -15.65 -22.81 -12.44
C PRO A 180 -14.32 -22.06 -12.43
N ILE A 181 -14.34 -20.95 -11.70
CA ILE A 181 -13.14 -20.17 -11.43
C ILE A 181 -12.36 -20.86 -10.32
N SER A 182 -11.06 -21.06 -10.50
CA SER A 182 -10.34 -21.92 -9.57
C SER A 182 -9.11 -21.30 -8.90
N ARG A 183 -8.33 -20.54 -9.64
CA ARG A 183 -7.03 -20.06 -9.14
C ARG A 183 -6.66 -18.66 -9.64
N ALA A 184 -5.88 -17.92 -8.86
CA ALA A 184 -5.39 -16.61 -9.29
C ALA A 184 -4.00 -16.31 -8.76
N LYS A 185 -3.31 -15.40 -9.45
CA LYS A 185 -2.12 -14.78 -8.92
C LYS A 185 -2.35 -13.27 -8.71
N GLN A 186 -1.94 -12.72 -7.57
CA GLN A 186 -2.04 -11.27 -7.36
C GLN A 186 -0.70 -10.63 -7.03
N GLU A 187 -0.54 -9.40 -7.52
CA GLU A 187 0.61 -8.57 -7.22
C GLU A 187 0.12 -7.32 -6.54
N LEU A 188 0.70 -7.02 -5.38
CA LEU A 188 0.25 -5.93 -4.54
C LEU A 188 1.33 -4.88 -4.47
N GLU A 189 0.93 -3.61 -4.50
CA GLU A 189 1.83 -2.50 -4.41
C GLU A 189 1.08 -1.36 -3.76
N PRO A 190 1.66 -0.71 -2.72
CA PRO A 190 1.03 0.49 -2.17
C PRO A 190 1.14 1.65 -3.15
N SER A 191 0.16 2.52 -3.11
CA SER A 191 0.16 3.65 -4.02
C SER A 191 -0.56 4.85 -3.41
N ALA A 192 -0.41 6.00 -4.05
CA ALA A 192 -1.17 7.20 -3.70
C ALA A 192 -2.22 7.43 -4.78
N ALA A 193 -3.46 7.64 -4.35
CA ALA A 193 -4.55 7.84 -5.28
C ALA A 193 -4.28 9.00 -6.23
N THR A 194 -4.42 8.76 -7.54
CA THR A 194 -4.38 9.84 -8.50
C THR A 194 -5.58 10.76 -8.29
N THR A 195 -5.54 11.92 -8.92
CA THR A 195 -6.64 12.85 -8.86
C THR A 195 -7.95 12.20 -9.26
N GLU A 196 -7.91 11.44 -10.35
CA GLU A 196 -9.11 10.79 -10.86
C GLU A 196 -9.60 9.66 -9.97
N GLU A 197 -8.67 8.84 -9.47
CA GLU A 197 -9.02 7.76 -8.55
C GLU A 197 -9.64 8.29 -7.25
N ALA A 198 -9.04 9.33 -6.69
CA ALA A 198 -9.54 9.99 -5.49
C ALA A 198 -10.96 10.54 -5.71
N ASN A 199 -11.18 11.16 -6.86
CA ASN A 199 -12.47 11.74 -7.15
C ASN A 199 -13.57 10.69 -7.20
N ILE A 200 -13.28 9.57 -7.88
CA ILE A 200 -14.24 8.48 -7.98
C ILE A 200 -14.45 7.78 -6.62
N LEU A 201 -13.40 7.68 -5.83
CA LEU A 201 -13.48 6.97 -4.56
C LEU A 201 -13.99 7.84 -3.39
N GLY A 202 -14.08 9.16 -3.59
CA GLY A 202 -14.49 10.05 -2.53
C GLY A 202 -13.42 10.22 -1.46
N ILE A 203 -12.16 9.99 -1.81
CA ILE A 203 -11.07 10.17 -0.85
C ILE A 203 -10.19 11.33 -1.30
N GLN A 204 -9.19 11.66 -0.48
CA GLN A 204 -8.30 12.77 -0.80
C GLN A 204 -7.33 12.37 -1.89
N LYS A 205 -7.01 13.32 -2.78
CA LYS A 205 -5.95 13.15 -3.76
C LYS A 205 -4.67 12.75 -3.04
N GLY A 206 -4.07 11.66 -3.47
CA GLY A 206 -2.82 11.18 -2.89
C GLY A 206 -3.01 10.28 -1.68
N ALA A 207 -4.25 10.08 -1.23
CA ALA A 207 -4.51 9.14 -0.14
C ALA A 207 -4.01 7.75 -0.50
N PRO A 208 -3.64 6.97 0.52
CA PRO A 208 -3.14 5.61 0.34
C PRO A 208 -4.15 4.65 -0.27
N VAL A 209 -3.73 3.94 -1.31
CA VAL A 209 -4.51 2.89 -1.90
C VAL A 209 -3.61 1.71 -2.14
N LEU A 210 -4.21 0.54 -2.21
CA LEU A 210 -3.46 -0.64 -2.58
C LEU A 210 -3.73 -0.92 -4.06
N LEU A 211 -2.67 -0.90 -4.84
CA LEU A 211 -2.73 -1.23 -6.27
C LEU A 211 -2.58 -2.75 -6.45
N ILE A 212 -3.60 -3.41 -6.98
CA ILE A 212 -3.57 -4.85 -7.13
C ILE A 212 -3.74 -5.31 -8.58
N LYS A 213 -2.80 -6.14 -9.04
CA LYS A 213 -2.97 -6.86 -10.32
C LYS A 213 -3.30 -8.30 -10.08
N ARG A 214 -4.39 -8.73 -10.70
CA ARG A 214 -4.87 -10.09 -10.54
C ARG A 214 -4.93 -10.79 -11.89
N THR A 215 -4.37 -11.99 -11.97
CA THR A 215 -4.55 -12.80 -13.17
C THR A 215 -5.28 -14.04 -12.72
N THR A 216 -6.46 -14.26 -13.29
CA THR A 216 -7.39 -15.24 -12.76
C THR A 216 -7.67 -16.39 -13.74
N TYR A 217 -7.78 -17.60 -13.22
CA TYR A 217 -7.80 -18.81 -14.05
C TYR A 217 -9.05 -19.67 -13.84
N LEU A 218 -9.54 -20.26 -14.92
CA LEU A 218 -10.60 -21.26 -14.86
C LEU A 218 -9.99 -22.60 -14.46
N GLN A 219 -10.82 -23.52 -13.98
CA GLN A 219 -10.39 -24.84 -13.60
C GLN A 219 -9.61 -25.61 -14.69
N ASN A 220 -9.86 -25.30 -15.97
CA ASN A 220 -9.11 -25.98 -17.03
C ASN A 220 -7.77 -25.30 -17.30
N GLY A 221 -7.47 -24.27 -16.51
CA GLY A 221 -6.17 -23.60 -16.58
C GLY A 221 -6.13 -22.43 -17.56
N THR A 222 -7.26 -22.14 -18.20
CA THR A 222 -7.34 -20.98 -19.07
C THR A 222 -7.46 -19.73 -18.22
N ALA A 223 -6.63 -18.74 -18.51
CA ALA A 223 -6.76 -17.42 -17.92
C ALA A 223 -7.96 -16.70 -18.54
N PHE A 224 -8.87 -16.23 -17.70
CA PHE A 224 -10.00 -15.46 -18.21
C PHE A 224 -9.98 -13.97 -17.85
N GLU A 225 -9.07 -13.56 -16.97
CA GLU A 225 -9.07 -12.19 -16.51
C GLU A 225 -7.67 -11.69 -16.19
N HIS A 226 -7.34 -10.50 -16.69
CA HIS A 226 -6.25 -9.74 -16.10
C HIS A 226 -6.82 -8.39 -15.66
N ALA A 227 -6.77 -8.16 -14.35
CA ALA A 227 -7.43 -7.00 -13.73
C ALA A 227 -6.46 -6.12 -12.97
N LYS A 228 -6.64 -4.81 -13.08
CA LYS A 228 -5.87 -3.85 -12.31
C LYS A 228 -6.85 -3.06 -11.49
N SER A 229 -6.63 -3.02 -10.18
CA SER A 229 -7.57 -2.38 -9.25
C SER A 229 -6.85 -1.51 -8.24
N VAL A 230 -7.53 -0.47 -7.78
CA VAL A 230 -7.09 0.28 -6.60
C VAL A 230 -8.14 0.17 -5.51
N TYR A 231 -7.68 -0.21 -4.32
CA TYR A 231 -8.54 -0.33 -3.14
C TYR A 231 -8.24 0.77 -2.13
N ARG A 232 -9.31 1.40 -1.63
CA ARG A 232 -9.19 2.42 -0.57
C ARG A 232 -8.40 1.89 0.60
N GLY A 233 -7.27 2.52 0.93
CA GLY A 233 -6.53 2.11 2.12
C GLY A 233 -7.34 2.28 3.38
N ASP A 234 -8.12 3.36 3.46
CA ASP A 234 -8.80 3.72 4.69
C ASP A 234 -9.95 2.82 5.10
N ARG A 235 -10.36 1.88 4.25
CA ARG A 235 -11.46 1.02 4.70
C ARG A 235 -11.14 -0.47 4.63
N TYR A 236 -9.88 -0.78 4.35
CA TYR A 236 -9.47 -2.15 4.16
C TYR A 236 -8.30 -2.57 5.05
N THR A 237 -8.38 -3.78 5.57
CA THR A 237 -7.22 -4.45 6.13
C THR A 237 -7.06 -5.76 5.37
N PHE A 238 -5.92 -5.94 4.71
CA PHE A 238 -5.69 -7.16 3.96
C PHE A 238 -4.96 -8.17 4.83
N VAL A 239 -5.55 -9.36 4.93
CA VAL A 239 -5.04 -10.37 5.84
C VAL A 239 -4.62 -11.63 5.10
N HIS A 240 -3.46 -12.17 5.45
CA HIS A 240 -3.07 -13.47 4.94
C HIS A 240 -2.30 -14.28 5.97
N TYR A 241 -1.98 -15.52 5.61
CA TYR A 241 -1.23 -16.38 6.50
C TYR A 241 0.03 -16.87 5.79
N MET A 242 0.99 -17.37 6.57
CA MET A 242 2.26 -17.82 6.04
C MET A 242 2.65 -19.12 6.72
N ASP A 243 3.41 -19.96 6.02
CA ASP A 243 4.07 -21.07 6.71
C ASP A 243 5.36 -21.43 6.00
N ARG A 244 6.08 -22.43 6.51
CA ARG A 244 7.39 -22.80 5.97
C ARG A 244 7.33 -23.49 4.61
N LEU A 245 6.25 -24.23 4.36
CA LEU A 245 6.04 -24.92 3.10
C LEU A 245 5.94 -23.95 1.91
N HIS B 3 11.40 20.61 -14.80
CA HIS B 3 12.78 20.91 -15.16
C HIS B 3 13.66 21.10 -13.91
N MET B 4 14.94 20.77 -14.06
CA MET B 4 15.88 20.93 -12.96
C MET B 4 16.32 22.38 -12.80
N ASN B 5 16.99 22.63 -11.68
CA ASN B 5 17.55 23.93 -11.36
C ASN B 5 19.05 23.79 -11.13
N ILE B 6 19.83 24.25 -12.10
CA ILE B 6 21.28 24.23 -12.01
C ILE B 6 21.79 25.58 -11.52
N ASN B 7 22.55 25.57 -10.44
CA ASN B 7 23.13 26.79 -9.91
C ASN B 7 24.64 26.77 -10.07
N LYS B 8 25.14 27.59 -10.99
CA LYS B 8 26.55 27.54 -11.34
C LYS B 8 27.42 28.27 -10.31
N GLN B 9 26.81 29.10 -9.48
CA GLN B 9 27.57 29.78 -8.43
C GLN B 9 27.78 28.88 -7.21
N SER B 10 27.12 27.73 -7.19
CA SER B 10 27.22 26.80 -6.05
C SER B 10 28.54 26.05 -6.09
N PRO B 11 29.12 25.79 -4.91
CA PRO B 11 30.35 24.98 -4.81
C PRO B 11 30.15 23.55 -5.33
N ILE B 12 28.94 23.04 -5.24
CA ILE B 12 28.65 21.70 -5.69
C ILE B 12 28.77 21.61 -7.21
N PRO B 13 29.64 20.71 -7.72
CA PRO B 13 29.82 20.62 -9.18
C PRO B 13 28.51 20.33 -9.94
N ILE B 14 28.42 20.87 -11.15
CA ILE B 14 27.20 20.75 -11.93
C ILE B 14 26.78 19.29 -12.19
N TYR B 15 27.72 18.41 -12.56
CA TYR B 15 27.35 17.00 -12.81
C TYR B 15 26.69 16.40 -11.57
N TYR B 16 27.16 16.80 -10.40
CA TYR B 16 26.70 16.26 -9.12
C TYR B 16 25.27 16.77 -8.84
N GLN B 17 25.02 18.04 -9.14
CA GLN B 17 23.67 18.62 -9.12
C GLN B 17 22.74 17.82 -10.01
N ILE B 18 23.15 17.62 -11.26
CA ILE B 18 22.33 16.84 -12.20
C ILE B 18 22.04 15.45 -11.63
N MET B 19 23.05 14.80 -11.08
CA MET B 19 22.85 13.48 -10.49
C MET B 19 21.83 13.56 -9.33
N GLU B 20 21.98 14.58 -8.50
CA GLU B 20 21.16 14.68 -7.29
C GLU B 20 19.73 15.08 -7.66
N GLN B 21 19.59 15.97 -8.64
CA GLN B 21 18.27 16.44 -9.03
C GLN B 21 17.55 15.37 -9.80
N LEU B 22 18.28 14.58 -10.60
CA LEU B 22 17.67 13.41 -11.26
C LEU B 22 17.22 12.41 -10.21
N LYS B 23 18.10 12.10 -9.26
CA LYS B 23 17.74 11.24 -8.15
C LYS B 23 16.47 11.74 -7.45
N THR B 24 16.44 13.04 -7.13
CA THR B 24 15.28 13.65 -6.47
C THR B 24 14.03 13.54 -7.35
N GLN B 25 14.22 13.72 -8.65
CA GLN B 25 13.11 13.60 -9.59
C GLN B 25 12.57 12.17 -9.65
N ILE B 26 13.47 11.18 -9.66
CA ILE B 26 13.02 9.79 -9.62
C ILE B 26 12.36 9.55 -8.24
N LYS B 27 13.00 10.09 -7.21
CA LYS B 27 12.51 9.95 -5.82
C LYS B 27 11.06 10.44 -5.70
N ASN B 28 10.79 11.58 -6.32
CA ASN B 28 9.50 12.25 -6.18
C ASN B 28 8.52 11.83 -7.29
N GLY B 29 8.90 10.81 -8.04
CA GLY B 29 8.08 10.31 -9.14
C GLY B 29 7.75 11.34 -10.21
N GLU B 30 8.66 12.29 -10.43
CA GLU B 30 8.36 13.45 -11.27
C GLU B 30 8.59 13.24 -12.76
N LEU B 31 9.32 12.19 -13.15
CA LEU B 31 9.47 11.93 -14.58
C LEU B 31 9.30 10.43 -14.87
N GLN B 32 8.28 10.15 -15.68
CA GLN B 32 7.83 8.80 -16.08
C GLN B 32 8.93 7.75 -16.31
N PRO B 33 8.67 6.52 -15.87
CA PRO B 33 9.64 5.42 -15.89
C PRO B 33 9.63 4.62 -17.20
N ASP B 34 8.66 4.92 -18.07
CA ASP B 34 8.54 4.22 -19.34
C ASP B 34 9.03 5.07 -20.51
N MET B 35 9.20 6.37 -20.25
CA MET B 35 9.70 7.32 -21.24
C MET B 35 11.21 7.52 -21.08
N PRO B 36 11.91 7.76 -22.21
CA PRO B 36 13.34 8.06 -22.15
C PRO B 36 13.62 9.48 -21.64
N LEU B 37 14.73 9.66 -20.93
CA LEU B 37 15.15 10.98 -20.46
C LEU B 37 15.38 11.93 -21.62
N PRO B 38 15.34 13.24 -21.36
CA PRO B 38 15.86 14.15 -22.38
C PRO B 38 17.28 13.73 -22.79
N SER B 39 17.65 14.00 -24.04
CA SER B 39 18.97 13.62 -24.51
C SER B 39 20.05 14.42 -23.83
N GLU B 40 21.28 13.93 -23.93
CA GLU B 40 22.47 14.68 -23.57
C GLU B 40 22.41 16.12 -24.09
N ARG B 41 22.05 16.26 -25.36
CA ARG B 41 21.94 17.55 -26.03
C ARG B 41 20.89 18.45 -25.41
N GLU B 42 19.73 17.86 -25.14
CA GLU B 42 18.62 18.63 -24.63
C GLU B 42 18.98 19.19 -23.26
N TYR B 43 19.55 18.34 -22.41
CA TYR B 43 19.98 18.79 -21.09
C TYR B 43 21.01 19.91 -21.19
N ALA B 44 22.03 19.67 -22.01
CA ALA B 44 23.12 20.63 -22.20
C ALA B 44 22.58 21.96 -22.71
N GLU B 45 21.71 21.90 -23.71
CA GLU B 45 21.17 23.13 -24.25
C GLU B 45 20.24 23.83 -23.27
N GLN B 46 19.54 23.08 -22.43
CA GLN B 46 18.62 23.73 -21.50
C GLN B 46 19.37 24.52 -20.44
N PHE B 47 20.50 23.98 -19.96
CA PHE B 47 21.18 24.61 -18.84
C PHE B 47 22.44 25.37 -19.25
N GLY B 48 22.69 25.45 -20.55
CA GLY B 48 23.85 26.17 -21.05
C GLY B 48 25.14 25.65 -20.44
N ILE B 49 25.29 24.33 -20.48
CA ILE B 49 26.48 23.66 -19.97
C ILE B 49 26.99 22.72 -21.02
N SER B 50 28.17 22.17 -20.76
CA SER B 50 28.78 21.22 -21.67
C SER B 50 28.09 19.86 -21.65
N ARG B 51 28.00 19.26 -22.82
CA ARG B 51 27.51 17.90 -22.95
C ARG B 51 28.30 16.90 -22.17
N MET B 52 29.59 17.17 -22.02
CA MET B 52 30.46 16.23 -21.33
C MET B 52 30.12 16.20 -19.84
N THR B 53 29.65 17.31 -19.32
CA THR B 53 29.16 17.39 -17.93
C THR B 53 27.92 16.53 -17.77
N VAL B 54 26.99 16.68 -18.72
CA VAL B 54 25.77 15.88 -18.74
C VAL B 54 26.11 14.40 -18.85
N ARG B 55 26.97 14.07 -19.81
CA ARG B 55 27.39 12.69 -20.01
C ARG B 55 28.04 12.11 -18.76
N GLN B 56 28.81 12.92 -18.03
CA GLN B 56 29.42 12.43 -16.79
C GLN B 56 28.34 12.03 -15.77
N ALA B 57 27.33 12.89 -15.62
CA ALA B 57 26.27 12.63 -14.65
C ALA B 57 25.44 11.39 -15.01
N LEU B 58 25.05 11.29 -16.27
CA LEU B 58 24.19 10.20 -16.72
C LEU B 58 24.92 8.87 -16.66
N SER B 59 26.17 8.85 -17.12
CA SER B 59 26.99 7.65 -17.06
CA SER B 59 26.99 7.66 -17.07
C SER B 59 27.18 7.19 -15.62
N ASN B 60 27.42 8.14 -14.72
CA ASN B 60 27.53 7.78 -13.31
C ASN B 60 26.23 7.12 -12.85
N LEU B 61 25.09 7.67 -13.26
CA LEU B 61 23.79 7.15 -12.80
C LEU B 61 23.51 5.77 -13.40
N VAL B 62 24.04 5.54 -14.60
CA VAL B 62 23.97 4.21 -15.20
C VAL B 62 24.82 3.25 -14.38
N ASN B 63 26.00 3.70 -13.97
CA ASN B 63 26.88 2.85 -13.19
C ASN B 63 26.31 2.56 -11.80
N GLU B 64 25.48 3.46 -11.31
CA GLU B 64 24.82 3.24 -10.03
C GLU B 64 23.51 2.42 -10.19
N GLY B 65 23.13 2.16 -11.43
CA GLY B 65 21.98 1.32 -11.73
C GLY B 65 20.65 2.03 -11.61
N LEU B 66 20.68 3.35 -11.52
CA LEU B 66 19.46 4.14 -11.38
C LEU B 66 18.83 4.45 -12.75
N LEU B 67 19.65 4.35 -13.79
CA LEU B 67 19.23 4.57 -15.17
C LEU B 67 19.77 3.43 -16.00
N TYR B 68 19.19 3.20 -17.18
CA TYR B 68 19.74 2.21 -18.12
C TYR B 68 19.59 2.68 -19.57
N ARG B 69 20.51 2.23 -20.42
CA ARG B 69 20.52 2.63 -21.83
C ARG B 69 19.98 1.54 -22.76
N LEU B 70 18.89 1.84 -23.46
CA LEU B 70 18.37 0.94 -24.48
C LEU B 70 18.79 1.43 -25.87
N LYS B 71 19.48 0.56 -26.61
CA LYS B 71 20.07 0.93 -27.91
C LYS B 71 19.07 1.58 -28.89
N GLY B 72 19.44 2.75 -29.39
CA GLY B 72 18.63 3.46 -30.37
C GLY B 72 17.35 4.11 -29.85
N ARG B 73 16.99 3.83 -28.60
CA ARG B 73 15.74 4.32 -28.03
C ARG B 73 15.95 5.38 -26.93
N GLY B 74 17.06 5.28 -26.22
CA GLY B 74 17.45 6.32 -25.28
C GLY B 74 17.84 5.79 -23.91
N THR B 75 17.83 6.68 -22.93
CA THR B 75 18.20 6.30 -21.57
C THR B 75 16.96 6.35 -20.69
N PHE B 76 16.79 5.34 -19.83
CA PHE B 76 15.54 5.15 -19.08
C PHE B 76 15.74 5.01 -17.57
N VAL B 77 14.72 5.41 -16.81
CA VAL B 77 14.72 5.22 -15.37
C VAL B 77 14.58 3.75 -15.03
N SER B 78 15.52 3.22 -14.25
CA SER B 78 15.48 1.83 -13.82
C SER B 78 14.38 1.63 -12.80
N LYS B 79 13.69 0.50 -12.86
CA LYS B 79 12.64 0.23 -11.87
C LYS B 79 12.87 -1.11 -11.21
N PRO B 80 13.96 -1.22 -10.42
CA PRO B 80 14.27 -2.49 -9.77
C PRO B 80 13.12 -2.91 -8.88
N LYS B 81 12.48 -4.01 -9.21
CA LYS B 81 11.44 -4.53 -8.34
C LYS B 81 11.91 -5.84 -7.80
N MET B 82 11.62 -6.07 -6.53
CA MET B 82 11.96 -7.33 -5.94
C MET B 82 10.64 -8.00 -5.60
N GLU B 83 10.46 -9.24 -6.06
CA GLU B 83 9.23 -9.97 -5.81
C GLU B 83 9.30 -10.66 -4.46
N GLN B 84 8.35 -10.34 -3.61
CA GLN B 84 8.30 -10.89 -2.27
C GLN B 84 7.06 -11.76 -2.14
N ALA B 85 7.26 -13.06 -1.99
CA ALA B 85 6.17 -14.01 -1.79
C ALA B 85 5.59 -13.91 -0.37
N LEU B 86 4.30 -13.62 -0.28
CA LEU B 86 3.64 -13.45 1.01
C LEU B 86 3.32 -14.75 1.76
N GLN B 87 3.22 -15.87 1.05
CA GLN B 87 2.78 -17.09 1.69
C GLN B 87 3.91 -17.86 2.38
N GLY B 88 5.16 -17.59 1.99
CA GLY B 88 6.30 -18.27 2.57
C GLY B 88 6.86 -17.53 3.77
N LEU B 89 6.81 -18.18 4.92
CA LEU B 89 7.38 -17.60 6.15
C LEU B 89 8.90 -17.65 6.09
N THR B 90 9.51 -16.48 5.98
CA THR B 90 10.97 -16.38 5.90
C THR B 90 11.47 -15.20 6.69
N SER B 91 12.77 -15.16 6.93
CA SER B 91 13.40 -13.99 7.52
C SER B 91 13.89 -13.07 6.42
N PHE B 92 14.11 -11.81 6.79
CA PHE B 92 14.75 -10.85 5.89
C PHE B 92 16.09 -11.44 5.46
N THR B 93 16.85 -11.94 6.44
CA THR B 93 18.15 -12.54 6.16
C THR B 93 18.06 -13.62 5.07
N GLU B 94 17.09 -14.52 5.21
CA GLU B 94 16.80 -15.54 4.19
C GLU B 94 16.38 -14.94 2.83
N ASP B 95 15.51 -13.93 2.86
CA ASP B 95 15.01 -13.29 1.64
C ASP B 95 16.16 -12.75 0.79
N MET B 96 17.10 -12.09 1.44
CA MET B 96 18.20 -11.48 0.74
C MET B 96 19.15 -12.52 0.19
N LYS B 97 19.54 -13.47 1.03
CA LYS B 97 20.51 -14.49 0.61
C LYS B 97 20.01 -15.24 -0.61
N SER B 98 18.74 -15.63 -0.61
CA SER B 98 18.17 -16.35 -1.74
C SER B 98 18.14 -15.49 -3.01
N ARG B 99 18.30 -14.19 -2.86
CA ARG B 99 18.37 -13.30 -4.02
C ARG B 99 19.80 -12.86 -4.29
N GLY B 100 20.75 -13.59 -3.70
CA GLY B 100 22.14 -13.29 -3.87
C GLY B 100 22.47 -11.85 -3.51
N MET B 101 21.83 -11.35 -2.45
CA MET B 101 22.13 -10.01 -1.95
C MET B 101 22.58 -10.07 -0.49
N THR B 102 23.24 -9.01 -0.03
CA THR B 102 23.77 -9.01 1.33
C THR B 102 22.86 -8.29 2.33
N PRO B 103 22.23 -9.05 3.23
CA PRO B 103 21.34 -8.42 4.20
C PRO B 103 22.13 -7.71 5.28
N GLY B 104 21.71 -6.51 5.68
CA GLY B 104 22.29 -5.83 6.81
C GLY B 104 21.21 -5.20 7.66
N SER B 105 21.58 -4.77 8.86
CA SER B 105 20.67 -4.01 9.70
C SER B 105 21.36 -2.82 10.35
N ARG B 106 20.56 -1.80 10.62
CA ARG B 106 20.99 -0.68 11.45
CA ARG B 106 20.98 -0.65 11.42
C ARG B 106 19.98 -0.52 12.57
N LEU B 107 20.47 -0.53 13.80
CA LEU B 107 19.57 -0.43 14.95
C LEU B 107 19.01 0.97 15.07
N ILE B 108 17.69 1.10 15.04
CA ILE B 108 17.06 2.39 15.28
C ILE B 108 16.87 2.59 16.79
N ASP B 109 16.45 1.53 17.48
CA ASP B 109 16.18 1.60 18.91
C ASP B 109 16.00 0.20 19.48
N TYR B 110 16.58 -0.04 20.66
CA TYR B 110 16.27 -1.22 21.46
C TYR B 110 15.80 -0.79 22.83
N GLN B 111 14.70 -1.36 23.28
CA GLN B 111 14.23 -1.17 24.64
C GLN B 111 13.72 -2.49 25.14
N LEU B 112 14.03 -2.78 26.39
CA LEU B 112 13.39 -3.89 27.04
C LEU B 112 12.18 -3.28 27.76
N ILE B 113 10.96 -3.73 27.44
CA ILE B 113 9.77 -3.02 27.91
C ILE B 113 8.82 -3.90 28.70
N ASP B 114 7.96 -3.27 29.49
CA ASP B 114 6.95 -3.99 30.24
C ASP B 114 5.85 -4.40 29.29
N SER B 115 5.36 -5.62 29.48
CA SER B 115 4.18 -6.08 28.80
C SER B 115 2.99 -5.15 29.10
N THR B 116 2.02 -5.16 28.19
CA THR B 116 0.74 -4.51 28.41
C THR B 116 -0.32 -5.58 28.24
N GLU B 117 -1.52 -5.33 28.74
CA GLU B 117 -2.61 -6.26 28.54
C GLU B 117 -2.83 -6.49 27.04
N GLU B 118 -2.63 -5.44 26.23
CA GLU B 118 -2.79 -5.58 24.79
C GLU B 118 -1.73 -6.51 24.19
N LEU B 119 -0.45 -6.26 24.49
CA LEU B 119 0.62 -7.11 23.95
C LEU B 119 0.48 -8.56 24.43
N ALA B 120 0.15 -8.74 25.71
CA ALA B 120 0.01 -10.08 26.28
C ALA B 120 -1.12 -10.87 25.64
N ALA B 121 -2.17 -10.19 25.22
CA ALA B 121 -3.26 -10.85 24.53
C ALA B 121 -2.79 -11.35 23.17
N ILE B 122 -2.08 -10.49 22.45
CA ILE B 122 -1.54 -10.84 21.13
C ILE B 122 -0.58 -12.03 21.22
N LEU B 123 0.36 -11.95 22.16
CA LEU B 123 1.44 -12.92 22.24
C LEU B 123 1.12 -14.12 23.14
N GLY B 124 0.03 -14.01 23.92
CA GLY B 124 -0.27 -15.04 24.91
C GLY B 124 0.88 -15.19 25.89
N CYS B 125 1.54 -14.09 26.22
CA CYS B 125 2.69 -14.17 27.10
C CYS B 125 2.31 -13.73 28.52
N GLY B 126 3.28 -13.74 29.43
CA GLY B 126 3.00 -13.39 30.81
C GLY B 126 2.90 -11.90 31.01
N HIS B 127 2.11 -11.50 32.01
CA HIS B 127 1.95 -10.10 32.39
C HIS B 127 1.88 -9.97 33.90
N PRO B 128 2.81 -9.21 34.50
CA PRO B 128 3.91 -8.47 33.87
C PRO B 128 5.07 -9.37 33.45
N SER B 129 5.69 -9.01 32.34
CA SER B 129 6.89 -9.68 31.85
C SER B 129 7.69 -8.67 31.06
N SER B 130 8.89 -9.04 30.69
CA SER B 130 9.72 -8.16 29.89
C SER B 130 9.59 -8.55 28.42
N ILE B 131 9.56 -7.56 27.54
CA ILE B 131 9.39 -7.80 26.11
C ILE B 131 10.47 -7.06 25.39
N HIS B 132 11.26 -7.79 24.61
CA HIS B 132 12.22 -7.13 23.75
C HIS B 132 11.46 -6.27 22.74
N LYS B 133 11.92 -5.05 22.51
CA LYS B 133 11.40 -4.24 21.43
C LYS B 133 12.56 -3.81 20.57
N ILE B 134 12.67 -4.47 19.42
CA ILE B 134 13.79 -4.28 18.53
C ILE B 134 13.39 -3.54 17.25
N THR B 135 13.85 -2.31 17.10
CA THR B 135 13.50 -1.53 15.92
C THR B 135 14.73 -1.32 15.05
N ARG B 136 14.70 -1.90 13.84
CA ARG B 136 15.83 -1.84 12.91
C ARG B 136 15.48 -1.37 11.49
N VAL B 137 16.44 -0.71 10.85
CA VAL B 137 16.40 -0.58 9.39
C VAL B 137 16.92 -1.87 8.81
N ARG B 138 16.23 -2.44 7.82
CA ARG B 138 16.77 -3.62 7.15
C ARG B 138 17.33 -3.20 5.79
N LEU B 139 18.54 -3.66 5.50
CA LEU B 139 19.33 -3.25 4.33
C LEU B 139 19.55 -4.39 3.33
N ALA B 140 19.47 -4.05 2.04
CA ALA B 140 19.85 -4.97 0.97
C ALA B 140 21.03 -4.35 0.21
N ASN B 141 22.20 -4.96 0.31
CA ASN B 141 23.44 -4.37 -0.19
C ASN B 141 23.55 -2.89 0.17
N ASP B 142 23.37 -2.61 1.47
CA ASP B 142 23.44 -1.26 2.01
C ASP B 142 22.34 -0.28 1.56
N ILE B 143 21.35 -0.75 0.80
CA ILE B 143 20.19 0.08 0.50
C ILE B 143 19.04 -0.26 1.42
N PRO B 144 18.52 0.73 2.18
CA PRO B 144 17.41 0.52 3.11
C PRO B 144 16.15 0.03 2.39
N MET B 145 15.53 -1.04 2.89
CA MET B 145 14.35 -1.62 2.26
CA MET B 145 14.36 -1.66 2.28
C MET B 145 13.13 -1.52 3.17
N ALA B 146 13.35 -1.63 4.48
CA ALA B 146 12.28 -1.68 5.44
C ALA B 146 12.69 -1.12 6.79
N ILE B 147 11.68 -0.75 7.59
CA ILE B 147 11.83 -0.44 9.00
C ILE B 147 10.90 -1.40 9.74
N GLU B 148 11.46 -2.13 10.70
CA GLU B 148 10.72 -3.13 11.43
C GLU B 148 10.88 -2.95 12.94
N SER B 149 9.79 -3.08 13.67
CA SER B 149 9.84 -3.05 15.12
C SER B 149 9.27 -4.36 15.63
N SER B 150 10.14 -5.24 16.12
CA SER B 150 9.72 -6.58 16.52
C SER B 150 9.59 -6.68 18.05
N HIS B 151 8.44 -7.14 18.52
CA HIS B 151 8.21 -7.37 19.96
C HIS B 151 8.31 -8.87 20.25
N ILE B 152 9.21 -9.22 21.16
CA ILE B 152 9.52 -10.61 21.47
C ILE B 152 9.65 -10.83 22.97
N PRO B 153 8.80 -11.69 23.54
CA PRO B 153 8.84 -11.99 24.99
C PRO B 153 10.25 -12.38 25.40
N PHE B 154 10.72 -11.80 26.50
CA PHE B 154 12.11 -12.01 26.91
C PHE B 154 12.47 -13.49 26.98
N GLU B 155 11.56 -14.29 27.53
CA GLU B 155 11.85 -15.70 27.81
C GLU B 155 12.05 -16.53 26.54
N LEU B 156 11.57 -16.03 25.41
CA LEU B 156 11.71 -16.76 24.15
C LEU B 156 12.97 -16.35 23.41
N ALA B 157 13.75 -15.45 24.00
CA ALA B 157 14.97 -14.98 23.33
C ALA B 157 16.16 -14.85 24.28
N GLY B 158 15.89 -14.72 25.57
CA GLY B 158 16.95 -14.44 26.53
C GLY B 158 17.56 -13.06 26.31
N GLU B 159 18.77 -12.86 26.81
CA GLU B 159 19.42 -11.55 26.70
C GLU B 159 20.02 -11.39 25.32
N LEU B 160 19.89 -10.20 24.74
CA LEU B 160 20.39 -9.93 23.40
C LEU B 160 21.39 -8.77 23.41
N ASN B 161 22.29 -8.77 22.44
CA ASN B 161 23.25 -7.70 22.27
C ASN B 161 23.32 -7.24 20.82
N GLU B 162 24.21 -6.31 20.53
CA GLU B 162 24.27 -5.70 19.21
C GLU B 162 24.55 -6.72 18.11
N SER B 163 25.22 -7.82 18.44
CA SER B 163 25.52 -8.82 17.42
C SER B 163 24.27 -9.56 16.95
N HIS B 164 23.29 -9.70 17.83
CA HIS B 164 22.01 -10.30 17.43
C HIS B 164 21.31 -9.37 16.43
N PHE B 165 21.31 -8.08 16.77
CA PHE B 165 20.65 -7.05 15.95
C PHE B 165 21.25 -6.96 14.52
N GLN B 166 22.55 -7.21 14.41
CA GLN B 166 23.25 -7.13 13.14
C GLN B 166 23.13 -8.43 12.36
N SER B 167 22.46 -9.40 12.96
CA SER B 167 22.35 -10.73 12.39
C SER B 167 20.86 -11.10 12.22
N SER B 168 20.57 -12.39 12.10
CA SER B 168 19.18 -12.85 11.96
C SER B 168 18.52 -13.16 13.28
N ILE B 169 17.49 -12.40 13.61
CA ILE B 169 16.73 -12.66 14.82
C ILE B 169 16.02 -14.02 14.73
N TYR B 170 15.51 -14.36 13.55
CA TYR B 170 14.82 -15.63 13.40
C TYR B 170 15.76 -16.82 13.65
N ASP B 171 17.00 -16.74 13.16
CA ASP B 171 17.99 -17.79 13.39
C ASP B 171 18.26 -17.94 14.90
N HIS B 172 18.40 -16.82 15.59
CA HIS B 172 18.56 -16.84 17.04
C HIS B 172 17.39 -17.51 17.72
N ILE B 173 16.19 -17.09 17.33
CA ILE B 173 14.97 -17.65 17.91
C ILE B 173 14.91 -19.18 17.78
N GLU B 174 15.23 -19.73 16.60
CA GLU B 174 15.15 -21.18 16.42
C GLU B 174 16.21 -21.89 17.27
N ARG B 175 17.42 -21.36 17.27
CA ARG B 175 18.51 -21.88 18.11
C ARG B 175 18.21 -21.78 19.60
N TYR B 176 17.71 -20.63 20.04
CA TYR B 176 17.52 -20.41 21.46
C TYR B 176 16.44 -21.35 21.99
N ASN B 177 15.42 -21.60 21.16
CA ASN B 177 14.24 -22.34 21.59
C ASN B 177 14.25 -23.80 21.15
N SER B 178 15.26 -24.16 20.34
CA SER B 178 15.41 -25.51 19.78
C SER B 178 14.13 -26.02 19.12
N ILE B 179 13.49 -25.15 18.34
CA ILE B 179 12.25 -25.47 17.66
C ILE B 179 12.07 -24.54 16.43
N PRO B 180 11.52 -25.06 15.33
CA PRO B 180 11.42 -24.19 14.15
C PRO B 180 10.34 -23.11 14.26
N ILE B 181 10.58 -22.01 13.55
CA ILE B 181 9.57 -20.99 13.29
C ILE B 181 8.65 -21.50 12.18
N SER B 182 7.35 -21.54 12.46
CA SER B 182 6.43 -22.38 11.70
C SER B 182 5.30 -21.65 10.95
N ARG B 183 4.67 -20.67 11.58
CA ARG B 183 3.45 -20.10 11.01
C ARG B 183 3.35 -18.64 11.40
N ALA B 184 2.67 -17.84 10.59
CA ALA B 184 2.41 -16.43 10.92
C ALA B 184 1.09 -15.94 10.33
N LYS B 185 0.54 -14.90 10.96
CA LYS B 185 -0.56 -14.13 10.39
C LYS B 185 -0.04 -12.74 10.08
N GLN B 186 -0.35 -12.19 8.90
CA GLN B 186 0.02 -10.80 8.60
C GLN B 186 -1.20 -9.96 8.23
N GLU B 187 -1.13 -8.68 8.59
CA GLU B 187 -2.13 -7.70 8.19
C GLU B 187 -1.42 -6.63 7.41
N LEU B 188 -1.99 -6.24 6.27
CA LEU B 188 -1.33 -5.35 5.30
C LEU B 188 -2.19 -4.13 5.05
N GLU B 189 -1.58 -2.95 4.97
CA GLU B 189 -2.32 -1.81 4.47
C GLU B 189 -1.33 -0.81 3.91
N PRO B 190 -1.74 -0.08 2.84
CA PRO B 190 -0.87 0.92 2.23
C PRO B 190 -0.83 2.18 3.06
N SER B 191 0.27 2.91 2.98
CA SER B 191 0.42 4.08 3.81
C SER B 191 1.30 5.09 3.11
N ALA B 192 1.35 6.31 3.63
CA ALA B 192 2.33 7.27 3.13
C ALA B 192 3.44 7.37 4.17
N ALA B 193 4.69 7.36 3.71
CA ALA B 193 5.85 7.42 4.60
C ALA B 193 5.89 8.69 5.44
N THR B 194 6.01 8.54 6.76
CA THR B 194 6.20 9.71 7.62
C THR B 194 7.52 10.37 7.28
N THR B 195 7.69 11.59 7.75
CA THR B 195 8.97 12.27 7.58
C THR B 195 10.10 11.41 8.11
N GLU B 196 9.88 10.80 9.28
CA GLU B 196 10.91 9.96 9.88
C GLU B 196 11.15 8.66 9.08
N GLU B 197 10.09 8.01 8.65
CA GLU B 197 10.23 6.78 7.88
C GLU B 197 10.90 7.08 6.55
N ALA B 198 10.58 8.22 5.95
CA ALA B 198 11.12 8.55 4.64
C ALA B 198 12.60 8.87 4.76
N ASN B 199 12.98 9.62 5.79
CA ASN B 199 14.37 10.03 5.98
CA ASN B 199 14.37 10.01 5.99
C ASN B 199 15.28 8.81 6.22
N ILE B 200 14.80 7.83 7.00
CA ILE B 200 15.53 6.59 7.24
C ILE B 200 15.56 5.68 5.99
N LEU B 201 14.47 5.64 5.22
CA LEU B 201 14.42 4.79 4.04
C LEU B 201 15.06 5.40 2.79
N GLY B 202 15.39 6.68 2.83
CA GLY B 202 15.95 7.34 1.67
C GLY B 202 14.93 7.56 0.57
N ILE B 203 13.67 7.70 0.95
CA ILE B 203 12.62 7.99 -0.02
C ILE B 203 11.95 9.31 0.31
N GLN B 204 11.02 9.72 -0.54
CA GLN B 204 10.35 11.00 -0.40
C GLN B 204 9.33 10.97 0.75
N LYS B 205 9.25 12.08 1.48
CA LYS B 205 8.22 12.21 2.50
C LYS B 205 6.86 11.97 1.86
N GLY B 206 6.09 11.05 2.41
CA GLY B 206 4.79 10.74 1.87
C GLY B 206 4.81 9.68 0.78
N ALA B 207 5.98 9.16 0.42
CA ALA B 207 6.05 8.09 -0.59
C ALA B 207 5.29 6.85 -0.14
N PRO B 208 4.78 6.07 -1.10
CA PRO B 208 4.02 4.85 -0.73
C PRO B 208 4.87 3.80 0.00
N VAL B 209 4.34 3.30 1.11
CA VAL B 209 4.93 2.19 1.82
C VAL B 209 3.86 1.16 2.16
N LEU B 210 4.26 -0.11 2.30
CA LEU B 210 3.35 -1.11 2.81
C LEU B 210 3.56 -1.24 4.32
N LEU B 211 2.50 -1.00 5.08
CA LEU B 211 2.51 -1.19 6.54
C LEU B 211 2.07 -2.61 6.85
N ILE B 212 2.87 -3.36 7.59
CA ILE B 212 2.61 -4.77 7.80
C ILE B 212 2.72 -5.15 9.28
N LYS B 213 1.67 -5.77 9.81
CA LYS B 213 1.72 -6.35 11.17
C LYS B 213 1.86 -7.85 11.09
N ARG B 214 2.87 -8.42 11.74
CA ARG B 214 3.06 -9.87 11.74
C ARG B 214 3.01 -10.45 13.15
N THR B 215 2.22 -11.49 13.34
CA THR B 215 2.33 -12.26 14.58
C THR B 215 2.86 -13.62 14.17
N THR B 216 3.96 -14.02 14.77
CA THR B 216 4.71 -15.18 14.29
C THR B 216 4.76 -16.27 15.36
N TYR B 217 4.65 -17.53 14.94
CA TYR B 217 4.49 -18.65 15.86
C TYR B 217 5.54 -19.72 15.66
N LEU B 218 5.96 -20.32 16.79
CA LEU B 218 6.86 -21.48 16.79
C LEU B 218 6.05 -22.72 16.47
N GLN B 219 6.73 -23.82 16.12
CA GLN B 219 6.08 -25.06 15.72
C GLN B 219 5.12 -25.60 16.79
N ASN B 220 5.34 -25.25 18.05
CA ASN B 220 4.44 -25.73 19.11
C ASN B 220 3.26 -24.80 19.40
N GLY B 221 3.01 -23.83 18.52
CA GLY B 221 1.86 -22.96 18.67
C GLY B 221 2.11 -21.69 19.50
N THR B 222 3.31 -21.58 20.06
CA THR B 222 3.65 -20.41 20.84
C THR B 222 4.02 -19.25 19.95
N ALA B 223 3.33 -18.13 20.14
CA ALA B 223 3.67 -16.85 19.52
C ALA B 223 4.94 -16.30 20.14
N PHE B 224 5.88 -15.90 19.29
CA PHE B 224 7.14 -15.36 19.76
C PHE B 224 7.39 -13.95 19.26
N GLU B 225 6.63 -13.51 18.27
CA GLU B 225 6.85 -12.19 17.71
C GLU B 225 5.55 -11.49 17.37
N HIS B 226 5.49 -10.21 17.73
CA HIS B 226 4.54 -9.30 17.14
C HIS B 226 5.32 -8.14 16.56
N ALA B 227 5.20 -7.96 15.24
CA ALA B 227 6.03 -7.01 14.54
C ALA B 227 5.21 -6.01 13.72
N LYS B 228 5.69 -4.78 13.66
CA LYS B 228 5.13 -3.72 12.85
C LYS B 228 6.22 -3.21 11.95
N SER B 229 5.99 -3.27 10.63
CA SER B 229 7.02 -2.88 9.68
C SER B 229 6.47 -1.98 8.56
N VAL B 230 7.33 -1.16 7.98
CA VAL B 230 7.01 -0.49 6.72
C VAL B 230 8.04 -0.86 5.66
N TYR B 231 7.57 -1.26 4.49
CA TYR B 231 8.40 -1.60 3.34
C TYR B 231 8.24 -0.56 2.23
N ARG B 232 9.35 -0.09 1.66
CA ARG B 232 9.30 0.84 0.52
C ARG B 232 8.46 0.27 -0.61
N GLY B 233 7.45 1.00 -1.06
CA GLY B 233 6.62 0.50 -2.14
C GLY B 233 7.40 0.42 -3.44
N ASP B 234 8.31 1.37 -3.64
CA ASP B 234 9.01 1.51 -4.93
C ASP B 234 9.91 0.32 -5.30
N ARG B 235 10.44 -0.41 -4.32
CA ARG B 235 11.36 -1.48 -4.64
C ARG B 235 10.80 -2.88 -4.38
N TYR B 236 9.51 -2.95 -4.12
CA TYR B 236 8.88 -4.24 -3.80
C TYR B 236 7.65 -4.53 -4.66
N THR B 237 7.46 -5.79 -4.99
CA THR B 237 6.19 -6.26 -5.48
C THR B 237 5.77 -7.47 -4.68
N PHE B 238 4.67 -7.34 -3.96
CA PHE B 238 4.26 -8.44 -3.10
C PHE B 238 3.33 -9.37 -3.84
N VAL B 239 3.62 -10.66 -3.77
CA VAL B 239 2.92 -11.67 -4.56
C VAL B 239 2.31 -12.73 -3.68
N HIS B 240 1.12 -13.18 -4.05
CA HIS B 240 0.50 -14.33 -3.42
C HIS B 240 -0.42 -15.00 -4.41
N TYR B 241 -0.93 -16.15 -4.01
CA TYR B 241 -1.78 -16.95 -4.88
C TYR B 241 -3.12 -17.14 -4.20
N MET B 242 -4.13 -17.52 -4.97
CA MET B 242 -5.46 -17.70 -4.40
C MET B 242 -6.11 -18.95 -4.99
N ASP B 243 -6.93 -19.64 -4.21
CA ASP B 243 -7.75 -20.69 -4.79
C ASP B 243 -9.14 -20.71 -4.17
N ARG B 244 -10.03 -21.49 -4.74
CA ARG B 244 -11.39 -21.54 -4.29
C ARG B 244 -11.58 -22.72 -3.38
#